data_3HE5
#
_entry.id   3HE5
#
_cell.length_a   49.905
_cell.length_b   49.905
_cell.length_c   113.228
_cell.angle_alpha   90.000
_cell.angle_beta   90.000
_cell.angle_gamma   120.000
#
_symmetry.space_group_name_H-M   'P 31'
#
loop_
_entity.id
_entity.type
_entity.pdbx_description
1 polymer SYNZIP1
2 polymer SYNZIP2
3 water water
#
loop_
_entity_poly.entity_id
_entity_poly.type
_entity_poly.pdbx_seq_one_letter_code
_entity_poly.pdbx_strand_id
1 'polypeptide(L)' GSNLVAQLENEVASLENENETLKKKNLHKKDLIAYLEKEIANLRKKIEE A,C,E
2 'polypeptide(L)' GSARNAYLRKKIARLKKDNLQLERDEQNLEKIIANLRDEIARLENEVASHEQ B,D,F
#
# COMPACT_ATOMS: atom_id res chain seq x y z
N SER A 2 5.45 -33.90 -20.49
CA SER A 2 4.28 -33.54 -21.29
C SER A 2 3.22 -32.86 -20.43
N ASN A 3 2.70 -33.59 -19.44
CA ASN A 3 1.84 -33.00 -18.44
C ASN A 3 2.65 -31.99 -17.62
N LEU A 4 3.95 -32.26 -17.52
CA LEU A 4 4.88 -31.39 -16.80
C LEU A 4 5.17 -30.08 -17.54
N VAL A 5 5.47 -30.17 -18.83
CA VAL A 5 5.68 -28.98 -19.66
C VAL A 5 4.42 -28.12 -19.67
N ALA A 6 3.27 -28.81 -19.63
CA ALA A 6 1.99 -28.15 -19.59
C ALA A 6 1.86 -27.29 -18.34
N GLN A 7 2.21 -27.85 -17.18
CA GLN A 7 2.14 -27.08 -15.95
C GLN A 7 3.16 -25.93 -15.94
N LEU A 8 4.38 -26.22 -16.39
CA LEU A 8 5.42 -25.19 -16.45
C LEU A 8 5.00 -23.99 -17.30
N GLU A 9 4.34 -24.27 -18.42
CA GLU A 9 3.90 -23.22 -19.33
C GLU A 9 2.73 -22.47 -18.71
N ASN A 10 1.97 -23.15 -17.87
CA ASN A 10 0.92 -22.51 -17.09
C ASN A 10 1.56 -21.52 -16.15
N GLU A 11 2.52 -22.00 -15.37
CA GLU A 11 3.24 -21.17 -14.41
C GLU A 11 3.79 -19.89 -15.07
N VAL A 12 4.54 -20.04 -16.17
CA VAL A 12 5.05 -18.89 -16.92
C VAL A 12 3.92 -17.87 -17.18
N ALA A 13 2.78 -18.38 -17.63
CA ALA A 13 1.64 -17.53 -18.00
C ALA A 13 0.95 -16.90 -16.78
N SER A 14 0.87 -17.64 -15.67
CA SER A 14 0.38 -17.09 -14.41
C SER A 14 1.23 -15.92 -13.94
N LEU A 15 2.55 -16.11 -13.98
CA LEU A 15 3.51 -15.12 -13.52
C LEU A 15 3.52 -13.90 -14.42
N GLU A 16 3.32 -14.14 -15.71
CA GLU A 16 3.26 -13.04 -16.66
C GLU A 16 2.06 -12.15 -16.41
N ASN A 17 0.93 -12.78 -16.10
CA ASN A 17 -0.29 -12.03 -15.84
C ASN A 17 -0.18 -11.18 -14.58
N GLU A 18 0.23 -11.80 -13.47
CA GLU A 18 0.41 -11.07 -12.22
C GLU A 18 1.36 -9.87 -12.39
N ASN A 19 2.50 -10.10 -13.04
CA ASN A 19 3.48 -9.06 -13.28
C ASN A 19 2.96 -7.96 -14.18
N GLU A 20 2.22 -8.34 -15.21
CA GLU A 20 1.68 -7.37 -16.18
C GLU A 20 0.68 -6.42 -15.53
N THR A 21 -0.07 -6.93 -14.55
CA THR A 21 -1.01 -6.13 -13.79
C THR A 21 -0.28 -5.25 -12.79
N LEU A 22 0.70 -5.82 -12.10
CA LEU A 22 1.48 -5.07 -11.13
C LEU A 22 2.25 -3.98 -11.86
N LYS A 23 2.63 -4.24 -13.11
CA LYS A 23 3.29 -3.21 -13.91
C LYS A 23 2.33 -2.10 -14.29
N LYS A 24 1.07 -2.44 -14.52
CA LYS A 24 0.05 -1.44 -14.84
C LYS A 24 -0.33 -0.59 -13.62
N LYS A 25 -0.46 -1.23 -12.46
CA LYS A 25 -0.75 -0.52 -11.22
C LYS A 25 0.34 0.52 -10.92
N ASN A 26 1.58 0.16 -11.23
CA ASN A 26 2.72 1.07 -11.11
C ASN A 26 2.69 2.21 -12.13
N LEU A 27 2.44 1.87 -13.38
CA LEU A 27 2.39 2.88 -14.43
C LEU A 27 1.35 3.93 -14.07
N HIS A 28 0.32 3.48 -13.35
CA HIS A 28 -0.72 4.39 -12.90
C HIS A 28 -0.27 5.28 -11.73
N LYS A 29 0.44 4.70 -10.77
CA LYS A 29 1.02 5.48 -9.70
C LYS A 29 1.98 6.51 -10.29
N LYS A 30 2.52 6.19 -11.46
CA LYS A 30 3.42 7.10 -12.17
C LYS A 30 2.65 8.25 -12.80
N ASP A 31 1.43 7.97 -13.26
CA ASP A 31 0.58 9.04 -13.75
C ASP A 31 0.10 9.93 -12.59
N LEU A 32 -0.21 9.28 -11.47
CA LEU A 32 -0.60 9.97 -10.25
C LEU A 32 0.48 10.95 -9.80
N ILE A 33 1.73 10.50 -9.82
CA ILE A 33 2.87 11.32 -9.41
C ILE A 33 2.99 12.55 -10.29
N ALA A 34 2.90 12.36 -11.60
CA ALA A 34 2.96 13.49 -12.54
C ALA A 34 1.88 14.49 -12.19
N TYR A 35 0.74 13.96 -11.75
CA TYR A 35 -0.41 14.75 -11.35
C TYR A 35 -0.16 15.60 -10.11
N LEU A 36 0.36 14.99 -9.05
CA LEU A 36 0.68 15.71 -7.81
C LEU A 36 1.79 16.71 -8.06
N GLU A 37 2.69 16.38 -8.97
CA GLU A 37 3.80 17.29 -9.27
C GLU A 37 3.31 18.54 -10.02
N LYS A 38 2.33 18.36 -10.89
CA LYS A 38 1.69 19.47 -11.59
C LYS A 38 0.88 20.31 -10.60
N GLU A 39 0.39 19.66 -9.56
CA GLU A 39 -0.34 20.33 -8.48
C GLU A 39 0.56 21.24 -7.68
N ILE A 40 1.68 20.69 -7.23
CA ILE A 40 2.67 21.41 -6.45
C ILE A 40 3.20 22.60 -7.24
N ALA A 41 3.42 22.39 -8.54
CA ALA A 41 3.94 23.42 -9.43
C ALA A 41 3.00 24.60 -9.55
N ASN A 42 1.71 24.32 -9.50
CA ASN A 42 0.69 25.35 -9.64
C ASN A 42 0.27 25.93 -8.29
N LEU A 43 0.54 25.19 -7.23
CA LEU A 43 0.39 25.70 -5.89
C LEU A 43 1.51 26.70 -5.61
N ARG A 44 2.71 26.35 -6.05
CA ARG A 44 3.89 27.19 -5.85
C ARG A 44 3.84 28.46 -6.69
N LYS A 45 3.38 28.35 -7.94
CA LYS A 45 3.10 29.51 -8.79
C LYS A 45 2.30 30.58 -8.06
N LYS A 46 1.52 30.16 -7.06
CA LYS A 46 0.67 31.06 -6.29
C LYS A 46 1.47 31.99 -5.36
N ILE A 47 2.26 31.39 -4.48
CA ILE A 47 3.12 32.15 -3.58
C ILE A 47 4.31 32.70 -4.35
N GLU A 48 4.69 32.00 -5.41
CA GLU A 48 5.91 32.27 -6.17
C GLU A 48 5.81 31.81 -7.63
N GLY B 1 13.76 -29.05 -28.98
CA GLY B 1 12.63 -29.87 -28.59
C GLY B 1 12.56 -30.01 -27.07
N SER B 2 13.70 -30.36 -26.49
CA SER B 2 13.88 -30.19 -25.05
C SER B 2 15.19 -29.45 -24.85
N ALA B 3 15.51 -29.14 -23.59
CA ALA B 3 16.24 -27.91 -23.25
C ALA B 3 15.16 -26.85 -23.42
N ARG B 4 13.97 -27.37 -23.76
CA ARG B 4 12.70 -26.67 -23.66
C ARG B 4 12.38 -26.52 -22.18
N ASN B 5 12.57 -27.62 -21.45
CA ASN B 5 12.46 -27.58 -19.99
C ASN B 5 13.42 -26.55 -19.43
N ALA B 6 14.66 -26.57 -19.90
CA ALA B 6 15.68 -25.61 -19.49
C ALA B 6 15.25 -24.18 -19.76
N TYR B 7 14.79 -23.89 -20.96
CA TYR B 7 14.26 -22.57 -21.27
C TYR B 7 13.10 -22.17 -20.34
N LEU B 8 12.16 -23.09 -20.15
CA LEU B 8 11.01 -22.84 -19.28
C LEU B 8 11.48 -22.55 -17.86
N ARG B 9 12.45 -23.33 -17.39
CA ARG B 9 13.01 -23.14 -16.04
C ARG B 9 13.58 -21.73 -15.84
N LYS B 10 14.47 -21.34 -16.75
CA LYS B 10 15.14 -20.05 -16.68
C LYS B 10 14.15 -18.89 -16.81
N LYS B 11 13.20 -19.02 -17.74
CA LYS B 11 12.21 -17.97 -17.95
C LYS B 11 11.37 -17.74 -16.72
N ILE B 12 10.94 -18.84 -16.10
CA ILE B 12 10.17 -18.78 -14.86
C ILE B 12 10.94 -18.07 -13.75
N ALA B 13 12.21 -18.42 -13.60
CA ALA B 13 13.12 -17.76 -12.65
C ALA B 13 13.23 -16.24 -12.90
N ARG B 14 13.38 -15.85 -14.16
CA ARG B 14 13.43 -14.43 -14.54
C ARG B 14 12.12 -13.73 -14.17
N LEU B 15 11.01 -14.45 -14.32
CA LEU B 15 9.69 -13.89 -14.07
C LEU B 15 9.48 -13.68 -12.58
N LYS B 16 10.00 -14.60 -11.77
CA LYS B 16 9.90 -14.49 -10.33
C LYS B 16 10.73 -13.32 -9.82
N LYS B 17 11.91 -13.14 -10.42
CA LYS B 17 12.77 -12.01 -10.10
C LYS B 17 12.07 -10.72 -10.51
N ASP B 18 11.47 -10.74 -11.70
CA ASP B 18 10.68 -9.61 -12.19
C ASP B 18 9.59 -9.20 -11.21
N ASN B 19 8.99 -10.15 -10.52
CA ASN B 19 7.90 -9.85 -9.60
C ASN B 19 8.40 -9.19 -8.31
N LEU B 20 9.56 -9.62 -7.85
CA LEU B 20 10.15 -9.08 -6.63
C LEU B 20 10.57 -7.65 -6.85
N GLN B 21 10.89 -7.29 -8.10
CA GLN B 21 11.23 -5.92 -8.45
C GLN B 21 9.98 -5.04 -8.56
N LEU B 22 8.97 -5.51 -9.30
CA LEU B 22 7.68 -4.83 -9.38
C LEU B 22 7.11 -4.54 -7.99
N GLU B 23 7.32 -5.48 -7.06
CA GLU B 23 6.92 -5.29 -5.67
C GLU B 23 7.73 -4.19 -4.98
N ARG B 24 9.03 -4.15 -5.22
CA ARG B 24 9.86 -3.10 -4.68
C ARG B 24 9.47 -1.76 -5.30
N ASP B 25 9.19 -1.78 -6.60
CA ASP B 25 8.79 -0.58 -7.33
C ASP B 25 7.47 0.00 -6.82
N GLU B 26 6.56 -0.87 -6.40
CA GLU B 26 5.24 -0.46 -5.95
C GLU B 26 5.30 0.29 -4.63
N GLN B 27 6.04 -0.26 -3.68
CA GLN B 27 6.14 0.34 -2.34
C GLN B 27 6.91 1.67 -2.36
N ASN B 28 7.84 1.82 -3.29
CA ASN B 28 8.58 3.06 -3.41
C ASN B 28 7.74 4.13 -4.07
N LEU B 29 6.98 3.74 -5.09
CA LEU B 29 6.05 4.65 -5.75
C LEU B 29 5.00 5.15 -4.75
N GLU B 30 4.62 4.29 -3.81
CA GLU B 30 3.71 4.68 -2.73
C GLU B 30 4.35 5.68 -1.77
N LYS B 31 5.61 5.46 -1.40
CA LYS B 31 6.34 6.41 -0.55
C LYS B 31 6.47 7.76 -1.24
N ILE B 32 6.71 7.75 -2.55
CA ILE B 32 6.77 8.99 -3.33
C ILE B 32 5.42 9.72 -3.37
N ILE B 33 4.34 8.97 -3.53
CA ILE B 33 2.99 9.55 -3.54
C ILE B 33 2.61 10.24 -2.22
N ALA B 34 2.82 9.55 -1.09
CA ALA B 34 2.48 10.11 0.21
C ALA B 34 3.30 11.36 0.55
N ASN B 35 4.50 11.45 -0.02
CA ASN B 35 5.35 12.63 0.19
C ASN B 35 4.91 13.82 -0.65
N LEU B 36 4.54 13.57 -1.89
CA LEU B 36 3.97 14.61 -2.74
C LEU B 36 2.63 15.09 -2.17
N ARG B 37 1.83 14.16 -1.67
CA ARG B 37 0.56 14.50 -1.02
C ARG B 37 0.76 15.33 0.25
N ASP B 38 1.78 14.98 1.02
CA ASP B 38 2.18 15.76 2.20
C ASP B 38 2.65 17.16 1.81
N GLU B 39 3.43 17.25 0.73
CA GLU B 39 3.95 18.50 0.23
C GLU B 39 2.84 19.44 -0.25
N ILE B 40 1.81 18.89 -0.89
CA ILE B 40 0.67 19.67 -1.36
C ILE B 40 -0.17 20.18 -0.20
N ALA B 41 -0.23 19.41 0.88
CA ALA B 41 -0.97 19.81 2.08
C ALA B 41 -0.31 21.00 2.79
N ARG B 42 1.02 21.03 2.76
CA ARG B 42 1.75 22.15 3.33
C ARG B 42 1.51 23.38 2.46
N LEU B 43 1.71 23.22 1.15
CA LEU B 43 1.50 24.28 0.19
C LEU B 43 0.12 24.89 0.33
N GLU B 44 -0.90 24.04 0.40
CA GLU B 44 -2.27 24.50 0.51
C GLU B 44 -2.50 25.30 1.80
N ASN B 45 -1.82 24.89 2.85
CA ASN B 45 -1.87 25.61 4.13
C ASN B 45 -1.11 26.93 4.08
N GLU B 46 0.07 26.92 3.45
CA GLU B 46 0.84 28.15 3.27
C GLU B 46 0.07 29.20 2.48
N VAL B 47 -0.48 28.79 1.35
CA VAL B 47 -1.21 29.70 0.47
C VAL B 47 -2.52 30.17 1.08
N ALA B 48 -3.19 29.29 1.83
CA ALA B 48 -4.47 29.61 2.45
C ALA B 48 -4.26 30.38 3.74
N ASN C 3 -14.34 33.91 6.71
CA ASN C 3 -13.31 33.70 5.72
C ASN C 3 -12.49 32.43 5.98
N LEU C 4 -11.96 32.31 7.19
CA LEU C 4 -11.31 31.09 7.67
C LEU C 4 -12.36 30.03 7.98
N VAL C 5 -13.47 30.47 8.57
CA VAL C 5 -14.62 29.60 8.76
C VAL C 5 -15.21 29.28 7.39
N ALA C 6 -15.39 30.31 6.56
CA ALA C 6 -15.80 30.12 5.18
C ALA C 6 -14.94 29.06 4.49
N GLN C 7 -13.66 29.05 4.87
CA GLN C 7 -12.69 28.12 4.32
C GLN C 7 -12.84 26.72 4.91
N LEU C 8 -12.82 26.63 6.24
CA LEU C 8 -12.85 25.35 6.97
C LEU C 8 -14.09 24.55 6.62
N GLU C 9 -15.24 25.22 6.57
CA GLU C 9 -16.51 24.54 6.31
C GLU C 9 -16.61 23.99 4.89
N ASN C 10 -16.03 24.71 3.93
CA ASN C 10 -15.99 24.21 2.56
C ASN C 10 -15.07 23.00 2.40
N GLU C 11 -13.98 22.97 3.17
CA GLU C 11 -13.05 21.85 3.15
C GLU C 11 -13.71 20.61 3.77
N VAL C 12 -14.51 20.82 4.81
CA VAL C 12 -15.27 19.73 5.44
C VAL C 12 -16.31 19.16 4.47
N ALA C 13 -17.06 20.05 3.83
CA ALA C 13 -18.06 19.62 2.86
C ALA C 13 -17.40 18.89 1.67
N SER C 14 -16.22 19.35 1.28
CA SER C 14 -15.49 18.79 0.14
C SER C 14 -14.96 17.38 0.41
N LEU C 15 -14.35 17.20 1.57
CA LEU C 15 -13.78 15.91 1.94
C LEU C 15 -14.90 14.90 2.18
N GLU C 16 -16.05 15.41 2.60
CA GLU C 16 -17.21 14.57 2.82
C GLU C 16 -17.76 13.99 1.52
N ASN C 17 -17.93 14.84 0.51
CA ASN C 17 -18.37 14.35 -0.79
C ASN C 17 -17.38 13.31 -1.32
N GLU C 18 -16.09 13.64 -1.27
CA GLU C 18 -15.03 12.78 -1.80
C GLU C 18 -15.01 11.39 -1.13
N ASN C 19 -15.15 11.37 0.20
CA ASN C 19 -15.24 10.13 0.96
C ASN C 19 -16.50 9.39 0.61
N GLU C 20 -17.61 10.11 0.58
CA GLU C 20 -18.88 9.47 0.28
C GLU C 20 -18.80 8.79 -1.08
N THR C 21 -18.04 9.40 -1.99
CA THR C 21 -17.96 8.94 -3.36
C THR C 21 -17.14 7.66 -3.47
N LEU C 22 -16.00 7.66 -2.78
CA LEU C 22 -15.14 6.48 -2.74
C LEU C 22 -15.86 5.35 -2.02
N LYS C 23 -16.50 5.68 -0.90
CA LYS C 23 -17.20 4.68 -0.10
C LYS C 23 -18.23 3.92 -0.93
N LYS C 24 -19.04 4.68 -1.66
CA LYS C 24 -20.04 4.09 -2.54
C LYS C 24 -19.40 3.23 -3.63
N LYS C 25 -18.24 3.65 -4.12
CA LYS C 25 -17.48 2.88 -5.10
C LYS C 25 -16.96 1.56 -4.52
N ASN C 26 -16.62 1.58 -3.24
CA ASN C 26 -16.17 0.38 -2.53
C ASN C 26 -17.32 -0.59 -2.24
N LEU C 27 -18.49 -0.05 -1.91
CA LEU C 27 -19.70 -0.84 -1.65
C LEU C 27 -20.18 -1.54 -2.92
N HIS C 28 -19.77 -0.98 -4.05
CA HIS C 28 -20.07 -1.61 -5.33
C HIS C 28 -19.07 -2.72 -5.63
N LYS C 29 -17.82 -2.50 -5.27
CA LYS C 29 -16.79 -3.52 -5.42
C LYS C 29 -17.14 -4.70 -4.51
N LYS C 30 -17.69 -4.40 -3.34
CA LYS C 30 -18.16 -5.47 -2.45
C LYS C 30 -19.32 -6.27 -3.05
N ASP C 31 -20.22 -5.58 -3.76
CA ASP C 31 -21.31 -6.27 -4.43
C ASP C 31 -20.81 -7.15 -5.59
N LEU C 32 -19.79 -6.68 -6.30
CA LEU C 32 -19.13 -7.49 -7.33
C LEU C 32 -18.49 -8.72 -6.71
N ILE C 33 -17.81 -8.55 -5.59
CA ILE C 33 -17.17 -9.65 -4.91
C ILE C 33 -18.16 -10.74 -4.48
N ALA C 34 -19.34 -10.32 -4.02
CA ALA C 34 -20.41 -11.24 -3.65
C ALA C 34 -20.83 -12.07 -4.87
N TYR C 35 -20.98 -11.38 -5.99
CA TYR C 35 -21.33 -12.01 -7.25
C TYR C 35 -20.23 -12.97 -7.72
N LEU C 36 -18.97 -12.55 -7.54
CA LEU C 36 -17.83 -13.35 -7.95
C LEU C 36 -17.67 -14.62 -7.10
N GLU C 37 -17.89 -14.49 -5.79
CA GLU C 37 -17.79 -15.66 -4.91
C GLU C 37 -18.94 -16.67 -5.10
N LYS C 38 -20.12 -16.17 -5.43
CA LYS C 38 -21.25 -17.02 -5.75
C LYS C 38 -20.95 -17.79 -7.03
N GLU C 39 -20.25 -17.13 -7.95
CA GLU C 39 -19.90 -17.72 -9.24
C GLU C 39 -18.92 -18.87 -9.09
N ILE C 40 -18.03 -18.76 -8.10
CA ILE C 40 -17.00 -19.76 -7.85
C ILE C 40 -17.59 -20.97 -7.18
N ALA C 41 -18.35 -20.74 -6.11
CA ALA C 41 -19.00 -21.83 -5.39
C ALA C 41 -19.82 -22.66 -6.36
N ASN C 42 -20.35 -22.01 -7.39
CA ASN C 42 -21.12 -22.66 -8.43
C ASN C 42 -20.25 -23.55 -9.31
N LEU C 43 -19.20 -22.98 -9.89
CA LEU C 43 -18.29 -23.71 -10.75
C LEU C 43 -17.61 -24.86 -10.01
N ARG C 44 -17.38 -24.66 -8.72
CA ARG C 44 -16.76 -25.70 -7.90
C ARG C 44 -17.69 -26.87 -7.59
N LYS C 45 -18.95 -26.56 -7.26
CA LYS C 45 -19.95 -27.61 -7.11
C LYS C 45 -20.14 -28.34 -8.43
N LYS C 46 -19.80 -27.68 -9.54
CA LYS C 46 -19.90 -28.31 -10.85
C LYS C 46 -18.97 -29.51 -11.01
N ILE C 47 -17.72 -29.34 -10.62
CA ILE C 47 -16.72 -30.38 -10.85
C ILE C 47 -16.49 -31.19 -9.56
N GLU C 48 -17.22 -30.83 -8.52
CA GLU C 48 -17.13 -31.50 -7.22
C GLU C 48 -17.60 -32.96 -7.32
N SER D 2 -13.63 29.65 16.60
CA SER D 2 -13.16 29.72 17.97
C SER D 2 -13.12 28.31 18.56
N ALA D 3 -14.23 27.89 19.15
CA ALA D 3 -14.45 26.49 19.41
C ALA D 3 -14.86 25.84 18.07
N ARG D 4 -15.60 26.62 17.28
CA ARG D 4 -15.99 26.25 15.93
C ARG D 4 -14.76 25.87 15.12
N ASN D 5 -13.72 26.68 15.24
CA ASN D 5 -12.48 26.45 14.51
C ASN D 5 -11.78 25.17 14.94
N ALA D 6 -11.75 24.92 16.24
CA ALA D 6 -11.13 23.70 16.76
C ALA D 6 -11.96 22.48 16.34
N TYR D 7 -13.28 22.64 16.33
CA TYR D 7 -14.15 21.56 15.90
C TYR D 7 -13.91 21.20 14.44
N LEU D 8 -13.84 22.22 13.59
CA LEU D 8 -13.71 22.03 12.14
C LEU D 8 -12.34 21.50 11.77
N ARG D 9 -11.31 22.01 12.43
CA ARG D 9 -9.95 21.51 12.19
C ARG D 9 -9.87 20.02 12.54
N LYS D 10 -10.39 19.67 13.71
CA LYS D 10 -10.41 18.28 14.15
C LYS D 10 -11.27 17.35 13.28
N LYS D 11 -12.39 17.88 12.78
CA LYS D 11 -13.29 17.17 11.89
C LYS D 11 -12.59 16.94 10.55
N ILE D 12 -11.89 17.97 10.08
CA ILE D 12 -11.13 17.88 8.84
C ILE D 12 -10.05 16.79 8.95
N ALA D 13 -9.39 16.76 10.11
CA ALA D 13 -8.35 15.77 10.38
C ALA D 13 -8.86 14.33 10.41
N ARG D 14 -10.13 14.14 10.77
CA ARG D 14 -10.72 12.80 10.78
C ARG D 14 -11.15 12.39 9.38
N LEU D 15 -11.63 13.37 8.61
CA LEU D 15 -12.10 13.12 7.25
C LEU D 15 -10.96 12.69 6.33
N LYS D 16 -9.79 13.26 6.58
CA LYS D 16 -8.61 12.92 5.80
C LYS D 16 -8.04 11.55 6.20
N LYS D 17 -8.30 11.15 7.45
CA LYS D 17 -7.98 9.79 7.89
C LYS D 17 -9.03 8.79 7.43
N ASP D 18 -10.28 9.23 7.30
CA ASP D 18 -11.33 8.41 6.72
C ASP D 18 -11.00 8.15 5.26
N ASN D 19 -10.61 9.23 4.56
CA ASN D 19 -10.28 9.15 3.14
C ASN D 19 -9.14 8.18 2.88
N LEU D 20 -8.07 8.31 3.67
CA LEU D 20 -6.93 7.43 3.52
C LEU D 20 -7.31 5.96 3.68
N GLN D 21 -8.22 5.69 4.62
CA GLN D 21 -8.67 4.32 4.87
C GLN D 21 -9.50 3.77 3.70
N LEU D 22 -10.38 4.61 3.16
CA LEU D 22 -11.20 4.25 2.01
C LEU D 22 -10.33 3.97 0.79
N GLU D 23 -9.21 4.67 0.69
CA GLU D 23 -8.26 4.44 -0.38
C GLU D 23 -7.62 3.06 -0.24
N ARG D 24 -7.23 2.73 0.98
CA ARG D 24 -6.69 1.40 1.25
C ARG D 24 -7.74 0.34 0.97
N ASP D 25 -8.97 0.63 1.37
CA ASP D 25 -10.10 -0.26 1.12
C ASP D 25 -10.22 -0.57 -0.37
N GLU D 26 -10.16 0.47 -1.20
CA GLU D 26 -10.30 0.35 -2.64
C GLU D 26 -9.21 -0.52 -3.26
N GLN D 27 -7.96 -0.24 -2.90
CA GLN D 27 -6.80 -1.00 -3.40
C GLN D 27 -6.94 -2.49 -3.09
N ASN D 28 -7.40 -2.79 -1.90
CA ASN D 28 -7.57 -4.17 -1.49
C ASN D 28 -8.83 -4.83 -2.06
N LEU D 29 -9.83 -4.03 -2.38
CA LEU D 29 -11.05 -4.54 -3.01
C LEU D 29 -10.76 -4.91 -4.45
N GLU D 30 -9.96 -4.08 -5.12
CA GLU D 30 -9.52 -4.37 -6.48
C GLU D 30 -8.67 -5.63 -6.53
N LYS D 31 -7.77 -5.78 -5.56
CA LYS D 31 -6.91 -6.97 -5.47
C LYS D 31 -7.73 -8.25 -5.28
N ILE D 32 -8.68 -8.19 -4.35
CA ILE D 32 -9.62 -9.28 -4.13
C ILE D 32 -10.36 -9.64 -5.41
N ILE D 33 -10.76 -8.61 -6.15
CA ILE D 33 -11.52 -8.77 -7.38
C ILE D 33 -10.70 -9.41 -8.52
N ALA D 34 -9.49 -8.91 -8.73
CA ALA D 34 -8.62 -9.49 -9.75
C ALA D 34 -8.32 -10.96 -9.44
N ASN D 35 -8.17 -11.28 -8.17
CA ASN D 35 -7.91 -12.65 -7.75
C ASN D 35 -9.12 -13.57 -7.92
N LEU D 36 -10.32 -13.07 -7.65
CA LEU D 36 -11.54 -13.87 -7.85
C LEU D 36 -11.80 -14.08 -9.35
N ARG D 37 -11.50 -13.06 -10.15
CA ARG D 37 -11.65 -13.12 -11.59
C ARG D 37 -10.68 -14.15 -12.19
N ASP D 38 -9.45 -14.15 -11.71
CA ASP D 38 -8.51 -15.21 -12.07
C ASP D 38 -9.08 -16.58 -11.71
N GLU D 39 -9.43 -16.76 -10.44
CA GLU D 39 -9.93 -18.04 -9.98
C GLU D 39 -11.07 -18.57 -10.87
N ILE D 40 -12.05 -17.71 -11.17
CA ILE D 40 -13.17 -18.08 -12.04
C ILE D 40 -12.71 -18.51 -13.43
N ALA D 41 -11.71 -17.80 -13.95
CA ALA D 41 -11.12 -18.15 -15.24
C ALA D 41 -10.53 -19.56 -15.24
N ARG D 42 -9.83 -19.91 -14.16
CA ARG D 42 -9.15 -21.21 -14.04
C ARG D 42 -10.13 -22.35 -13.79
N LEU D 43 -11.24 -22.05 -13.11
CA LEU D 43 -12.28 -23.05 -12.89
C LEU D 43 -13.02 -23.31 -14.21
N GLU D 44 -13.24 -22.24 -14.97
CA GLU D 44 -13.88 -22.33 -16.27
C GLU D 44 -13.10 -23.25 -17.23
N ASN D 45 -11.78 -23.31 -17.03
CA ASN D 45 -10.92 -24.18 -17.81
C ASN D 45 -11.05 -25.64 -17.38
N GLU D 46 -11.38 -25.85 -16.11
CA GLU D 46 -11.54 -27.21 -15.58
C GLU D 46 -12.77 -27.87 -16.18
N VAL D 47 -13.83 -27.08 -16.35
CA VAL D 47 -15.05 -27.56 -16.99
C VAL D 47 -14.80 -27.95 -18.45
N ALA D 48 -14.09 -27.10 -19.18
CA ALA D 48 -13.74 -27.40 -20.56
C ALA D 48 -12.22 -27.32 -20.77
N SER E 2 1.84 34.62 18.52
CA SER E 2 2.71 33.47 18.81
C SER E 2 3.00 32.67 17.54
N ASN E 3 3.40 33.37 16.48
CA ASN E 3 3.74 32.74 15.20
C ASN E 3 4.73 31.58 15.38
N LEU E 4 5.67 31.79 16.29
CA LEU E 4 6.61 30.76 16.67
C LEU E 4 6.22 30.16 18.02
N VAL E 5 5.04 29.53 18.03
CA VAL E 5 4.65 28.55 19.03
C VAL E 5 3.66 27.72 18.26
N ALA E 6 2.84 28.41 17.49
CA ALA E 6 1.94 27.77 16.55
C ALA E 6 2.73 26.84 15.63
N GLN E 7 3.91 27.28 15.20
CA GLN E 7 4.77 26.47 14.34
C GLN E 7 5.38 25.32 15.11
N LEU E 8 5.82 25.60 16.34
CA LEU E 8 6.31 24.58 17.27
C LEU E 8 5.25 23.53 17.57
N GLU E 9 4.01 23.96 17.71
CA GLU E 9 2.90 23.05 18.00
C GLU E 9 2.48 22.24 16.78
N ASN E 10 2.56 22.83 15.61
CA ASN E 10 2.17 22.14 14.38
C ASN E 10 3.15 21.02 14.05
N GLU E 11 4.41 21.22 14.42
CA GLU E 11 5.46 20.27 14.11
C GLU E 11 5.39 19.06 15.01
N VAL E 12 5.17 19.28 16.30
CA VAL E 12 4.94 18.18 17.23
C VAL E 12 3.77 17.34 16.72
N ALA E 13 2.65 18.00 16.40
CA ALA E 13 1.50 17.33 15.82
C ALA E 13 1.86 16.45 14.62
N SER E 14 2.60 17.01 13.67
CA SER E 14 2.96 16.31 12.44
C SER E 14 3.84 15.09 12.71
N LEU E 15 4.91 15.28 13.48
CA LEU E 15 5.78 14.19 13.84
C LEU E 15 5.00 13.11 14.59
N GLU E 16 3.98 13.53 15.34
CA GLU E 16 3.10 12.58 16.04
C GLU E 16 2.49 11.57 15.08
N ASN E 17 1.71 12.07 14.13
CA ASN E 17 1.04 11.24 13.11
C ASN E 17 2.02 10.53 12.20
N GLU E 18 3.08 11.23 11.79
CA GLU E 18 4.11 10.65 10.93
C GLU E 18 4.77 9.44 11.59
N ASN E 19 5.10 9.58 12.87
CA ASN E 19 5.73 8.50 13.62
C ASN E 19 4.76 7.38 13.97
N GLU E 20 3.56 7.74 14.42
CA GLU E 20 2.56 6.76 14.82
C GLU E 20 2.15 5.92 13.63
N THR E 21 2.09 6.55 12.47
CA THR E 21 1.84 5.83 11.22
C THR E 21 2.94 4.80 10.93
N LEU E 22 4.19 5.28 10.84
CA LEU E 22 5.35 4.43 10.59
C LEU E 22 5.52 3.34 11.65
N LYS E 23 5.10 3.63 12.88
CA LYS E 23 5.24 2.69 13.97
C LYS E 23 4.22 1.56 13.84
N LYS E 24 3.08 1.87 13.24
CA LYS E 24 2.03 0.88 13.03
C LYS E 24 2.37 -0.02 11.85
N LYS E 25 3.06 0.57 10.87
CA LYS E 25 3.54 -0.15 9.70
C LYS E 25 4.73 -1.04 10.09
N ASN E 26 5.58 -0.54 10.99
CA ASN E 26 6.69 -1.34 11.49
C ASN E 26 6.17 -2.53 12.27
N LEU E 27 5.24 -2.27 13.19
CA LEU E 27 4.67 -3.33 14.02
C LEU E 27 4.04 -4.44 13.18
N HIS E 28 3.58 -4.09 11.98
CA HIS E 28 3.00 -5.08 11.07
C HIS E 28 4.08 -5.94 10.40
N LYS E 29 5.22 -5.33 10.08
CA LYS E 29 6.34 -6.09 9.53
C LYS E 29 6.82 -7.13 10.53
N LYS E 30 6.78 -6.78 11.81
CA LYS E 30 7.09 -7.75 12.86
C LYS E 30 6.11 -8.94 12.84
N ASP E 31 4.82 -8.63 12.69
CA ASP E 31 3.81 -9.66 12.48
C ASP E 31 4.11 -10.58 11.28
N LEU E 32 4.46 -9.97 10.15
CA LEU E 32 4.82 -10.72 8.94
C LEU E 32 6.02 -11.65 9.16
N ILE E 33 7.08 -11.12 9.77
CA ILE E 33 8.25 -11.91 10.11
C ILE E 33 7.88 -13.11 10.99
N ALA E 34 6.98 -12.89 11.93
CA ALA E 34 6.52 -13.93 12.83
C ALA E 34 5.86 -15.11 12.09
N TYR E 35 5.00 -14.80 11.13
CA TYR E 35 4.30 -15.84 10.37
C TYR E 35 5.18 -16.43 9.26
N LEU E 36 6.14 -15.63 8.80
CA LEU E 36 7.19 -16.12 7.90
C LEU E 36 8.03 -17.18 8.61
N GLU E 37 8.32 -16.92 9.89
CA GLU E 37 9.07 -17.86 10.71
C GLU E 37 8.27 -19.13 10.96
N LYS E 38 6.95 -18.98 11.03
CA LYS E 38 6.06 -20.12 11.19
C LYS E 38 6.11 -21.00 9.94
N GLU E 39 5.92 -20.36 8.79
CA GLU E 39 5.93 -21.04 7.50
C GLU E 39 7.23 -21.83 7.29
N ILE E 40 8.35 -21.23 7.71
CA ILE E 40 9.67 -21.84 7.58
C ILE E 40 9.77 -23.08 8.45
N ALA E 41 9.22 -22.98 9.65
CA ALA E 41 9.21 -24.09 10.61
C ALA E 41 8.39 -25.25 10.05
N ASN E 42 7.37 -24.90 9.26
CA ASN E 42 6.46 -25.86 8.64
C ASN E 42 7.14 -26.67 7.56
N LEU E 43 7.79 -25.99 6.61
CA LEU E 43 8.47 -26.65 5.51
C LEU E 43 9.59 -27.54 5.99
N ARG E 44 10.40 -27.02 6.91
CA ARG E 44 11.57 -27.74 7.46
C ARG E 44 11.16 -29.07 8.05
N LYS E 45 9.95 -29.09 8.60
CA LYS E 45 9.38 -30.25 9.25
C LYS E 45 9.09 -31.32 8.19
N LYS E 46 8.66 -30.84 7.02
CA LYS E 46 8.27 -31.68 5.89
C LYS E 46 9.44 -32.42 5.24
N ILE E 47 10.65 -32.17 5.73
CA ILE E 47 11.83 -32.75 5.12
C ILE E 47 12.91 -33.19 6.12
N GLU E 48 12.59 -33.18 7.42
CA GLU E 48 13.54 -33.60 8.44
C GLU E 48 13.99 -35.04 8.22
N SER F 2 11.02 30.67 27.54
CA SER F 2 11.12 29.38 26.87
C SER F 2 10.34 28.30 27.60
N ALA F 3 9.95 28.56 28.85
CA ALA F 3 9.29 27.55 29.66
C ALA F 3 8.53 26.53 28.81
N ARG F 4 7.63 27.02 27.97
CA ARG F 4 6.81 26.16 27.14
C ARG F 4 7.48 25.86 25.82
N ASN F 5 8.19 26.84 25.28
CA ASN F 5 8.88 26.66 24.01
C ASN F 5 10.06 25.68 24.11
N ALA F 6 10.85 25.82 25.18
CA ALA F 6 11.96 24.92 25.44
C ALA F 6 11.43 23.52 25.61
N TYR F 7 10.24 23.41 26.18
CA TYR F 7 9.59 22.12 26.28
C TYR F 7 9.20 21.62 24.89
N LEU F 8 8.74 22.54 24.04
CA LEU F 8 8.32 22.20 22.67
C LEU F 8 9.52 21.89 21.79
N ARG F 9 10.55 22.73 21.85
CA ARG F 9 11.77 22.53 21.07
C ARG F 9 12.47 21.22 21.44
N LYS F 10 12.57 20.92 22.73
CA LYS F 10 13.19 19.67 23.17
C LYS F 10 12.35 18.46 22.73
N LYS F 11 11.03 18.60 22.75
CA LYS F 11 10.17 17.47 22.40
C LYS F 11 10.27 17.15 20.90
N ILE F 12 10.07 18.17 20.08
CA ILE F 12 10.26 18.07 18.65
C ILE F 12 11.57 17.33 18.34
N ALA F 13 12.62 17.65 19.08
CA ALA F 13 13.93 17.01 18.89
C ALA F 13 13.91 15.51 19.21
N ARG F 14 13.27 15.13 20.30
CA ARG F 14 13.11 13.72 20.69
C ARG F 14 12.24 12.98 19.69
N LEU F 15 11.22 13.67 19.19
CA LEU F 15 10.31 13.14 18.17
C LEU F 15 11.05 12.88 16.86
N LYS F 16 12.01 13.75 16.54
CA LYS F 16 12.80 13.62 15.32
C LYS F 16 13.79 12.47 15.41
N LYS F 17 14.47 12.37 16.55
CA LYS F 17 15.38 11.25 16.80
C LYS F 17 14.62 9.92 16.72
N ASP F 18 13.37 9.92 17.22
CA ASP F 18 12.47 8.78 17.09
C ASP F 18 12.18 8.48 15.62
N ASN F 19 11.82 9.51 14.86
CA ASN F 19 11.54 9.37 13.44
C ASN F 19 12.69 8.66 12.73
N LEU F 20 13.90 9.02 13.12
CA LEU F 20 15.10 8.43 12.54
C LEU F 20 15.17 6.95 12.89
N GLN F 21 14.88 6.64 14.15
CA GLN F 21 14.89 5.26 14.65
C GLN F 21 13.90 4.37 13.89
N LEU F 22 12.66 4.82 13.77
CA LEU F 22 11.64 4.04 13.07
C LEU F 22 12.02 3.76 11.61
N GLU F 23 12.61 4.76 10.95
CA GLU F 23 13.04 4.57 9.58
C GLU F 23 14.20 3.59 9.48
N ARG F 24 15.08 3.63 10.48
CA ARG F 24 16.18 2.68 10.62
C ARG F 24 15.59 1.29 10.82
N ASP F 25 14.61 1.22 11.71
CA ASP F 25 13.92 -0.03 12.00
C ASP F 25 13.21 -0.56 10.76
N GLU F 26 12.58 0.34 10.01
CA GLU F 26 11.88 -0.03 8.79
C GLU F 26 12.78 -0.72 7.77
N GLN F 27 14.03 -0.28 7.67
CA GLN F 27 14.95 -0.81 6.67
C GLN F 27 15.58 -2.14 7.07
N ASN F 28 15.70 -2.37 8.36
CA ASN F 28 16.16 -3.66 8.87
C ASN F 28 15.06 -4.72 8.84
N LEU F 29 13.83 -4.29 9.07
CA LEU F 29 12.67 -5.18 9.03
C LEU F 29 12.34 -5.59 7.60
N GLU F 30 12.53 -4.67 6.65
CA GLU F 30 12.33 -5.00 5.24
C GLU F 30 13.44 -5.93 4.72
N LYS F 31 14.63 -5.78 5.27
CA LYS F 31 15.76 -6.66 4.99
C LYS F 31 15.53 -8.08 5.51
N ILE F 32 15.13 -8.19 6.77
CA ILE F 32 14.82 -9.49 7.36
C ILE F 32 13.71 -10.20 6.58
N ILE F 33 12.75 -9.41 6.11
CA ILE F 33 11.64 -9.96 5.33
C ILE F 33 12.11 -10.51 3.97
N ALA F 34 12.90 -9.71 3.27
CA ALA F 34 13.52 -10.12 2.01
C ALA F 34 14.25 -11.45 2.18
N ASN F 35 14.97 -11.60 3.28
CA ASN F 35 15.72 -12.82 3.55
C ASN F 35 14.86 -14.02 3.94
N LEU F 36 13.92 -13.83 4.86
CA LEU F 36 13.01 -14.90 5.27
C LEU F 36 12.23 -15.39 4.05
N ARG F 37 11.90 -14.44 3.17
CA ARG F 37 11.20 -14.75 1.92
C ARG F 37 12.03 -15.66 1.00
N ASP F 38 13.31 -15.37 0.88
CA ASP F 38 14.22 -16.19 0.07
C ASP F 38 14.42 -17.59 0.63
N GLU F 39 14.51 -17.67 1.96
CA GLU F 39 14.60 -18.95 2.66
C GLU F 39 13.40 -19.85 2.36
N ILE F 40 12.19 -19.29 2.45
CA ILE F 40 10.98 -20.06 2.15
C ILE F 40 10.99 -20.53 0.70
N ALA F 41 11.44 -19.66 -0.20
CA ALA F 41 11.58 -20.02 -1.61
C ALA F 41 12.46 -21.26 -1.76
N ARG F 42 13.65 -21.21 -1.16
CA ARG F 42 14.60 -22.32 -1.25
C ARG F 42 14.08 -23.61 -0.60
N LEU F 43 13.30 -23.43 0.46
CA LEU F 43 12.72 -24.55 1.23
C LEU F 43 11.62 -25.29 0.47
N GLU F 44 10.78 -24.52 -0.22
CA GLU F 44 9.70 -25.07 -1.01
C GLU F 44 10.26 -25.96 -2.12
N ASN F 45 11.45 -25.62 -2.58
CA ASN F 45 12.12 -26.44 -3.58
C ASN F 45 12.70 -27.72 -2.95
N GLU F 46 13.32 -27.56 -1.79
CA GLU F 46 13.87 -28.70 -1.05
C GLU F 46 12.78 -29.70 -0.66
N VAL F 47 11.67 -29.18 -0.11
CA VAL F 47 10.50 -29.99 0.21
C VAL F 47 9.95 -30.70 -1.02
N ALA F 48 9.81 -29.96 -2.11
CA ALA F 48 9.48 -30.58 -3.39
C ALA F 48 10.56 -31.61 -3.75
#